data_5SV5
#
_entry.id   5SV5
#
_cell.length_a   33.533
_cell.length_b   37.764
_cell.length_c   42.810
_cell.angle_alpha   90.00
_cell.angle_beta   106.95
_cell.angle_gamma   90.00
#
_symmetry.space_group_name_H-M   'P 1 21 1'
#
loop_
_entity.id
_entity.type
_entity.pdbx_description
1 polymer 'Microbial collagenase'
2 non-polymer 'SODIUM ION'
3 water water
#
_entity_poly.entity_id   1
_entity_poly.type   'polypeptide(L)'
_entity_poly.pdbx_seq_one_letter_code
;NNRPEEANRIGLNTTIKGSLIGGDHTDVYTFNVASAKNIDISVLNEYGIG(MSE)TWVLHHESD(MSE)QNYAAYGQANG
NHIEANFNAKPGKYYLYVYKYDNGDGTYELSVK
;
_entity_poly.pdbx_strand_id   A
#
loop_
_chem_comp.id
_chem_comp.type
_chem_comp.name
_chem_comp.formula
NA non-polymer 'SODIUM ION' 'Na 1'
#
# COMPACT_ATOMS: atom_id res chain seq x y z
N ASN A 1 16.70 8.62 13.74
CA ASN A 1 16.38 8.09 15.11
C ASN A 1 14.97 8.54 15.53
N ASN A 2 13.97 7.80 15.09
CA ASN A 2 12.60 8.16 15.37
C ASN A 2 11.66 6.98 15.47
N ARG A 3 10.48 7.25 16.02
CA ARG A 3 9.44 6.24 16.17
C ARG A 3 8.99 5.71 14.82
N PRO A 4 8.52 4.46 14.77
N PRO A 4 8.58 4.44 14.75
CA PRO A 4 8.02 3.93 13.49
CA PRO A 4 8.07 3.93 13.49
C PRO A 4 6.71 4.59 13.11
C PRO A 4 6.80 4.65 13.06
N GLU A 5 6.39 4.58 11.83
N GLU A 5 6.60 4.73 11.75
CA GLU A 5 5.14 5.16 11.36
CA GLU A 5 5.39 5.32 11.19
C GLU A 5 3.98 4.37 11.97
C GLU A 5 4.21 4.45 11.59
N GLU A 6 2.90 5.07 12.31
N GLU A 6 3.23 5.04 12.28
CA GLU A 6 1.73 4.41 12.86
CA GLU A 6 2.07 4.28 12.73
C GLU A 6 0.91 3.81 11.72
C GLU A 6 1.29 3.72 11.54
N ALA A 7 0.83 2.48 11.66
CA ALA A 7 0.10 1.80 10.58
C ALA A 7 -1.40 2.01 10.70
N ASN A 8 -1.99 2.39 9.56
N ASN A 8 -2.00 2.40 9.58
CA ASN A 8 -3.43 2.59 9.43
CA ASN A 8 -3.43 2.59 9.50
C ASN A 8 -4.06 1.24 9.11
C ASN A 8 -4.06 1.26 9.12
N ARG A 9 -4.93 0.75 9.99
CA ARG A 9 -5.59 -0.51 9.76
C ARG A 9 -6.74 -0.35 8.79
N ILE A 10 -6.67 -1.08 7.68
CA ILE A 10 -7.70 -1.05 6.65
C ILE A 10 -8.09 -2.48 6.29
N GLY A 11 -8.99 -2.63 5.34
CA GLY A 11 -9.41 -3.94 4.86
C GLY A 11 -9.35 -4.00 3.38
N LEU A 12 -9.80 -5.12 2.78
N LEU A 12 -9.88 -5.09 2.87
CA LEU A 12 -9.67 -5.39 1.30
CA LEU A 12 -10.14 -5.16 1.50
C LEU A 12 -10.66 -4.74 0.32
C LEU A 12 -11.40 -4.30 1.31
N ASN A 13 -11.42 -3.77 0.81
N ASN A 13 -11.46 -3.67 0.16
CA ASN A 13 -12.39 -3.03 0.02
CA ASN A 13 -12.50 -2.71 -0.18
C ASN A 13 -12.33 -1.61 0.54
C ASN A 13 -12.34 -1.39 0.58
N THR A 14 -11.26 -0.92 0.15
N THR A 14 -11.10 -0.92 0.66
CA THR A 14 -10.90 0.36 0.73
CA THR A 14 -10.78 0.38 1.23
C THR A 14 -10.62 1.42 -0.32
C THR A 14 -10.36 1.34 0.13
N THR A 15 -11.10 2.65 -0.07
N THR A 15 -11.01 2.52 0.11
CA THR A 15 -10.66 3.80 -0.83
CA THR A 15 -10.57 3.66 -0.70
C THR A 15 -10.38 4.90 0.18
C THR A 15 -10.32 4.79 0.27
N ILE A 16 -9.14 5.39 0.23
CA ILE A 16 -8.76 6.39 1.22
C ILE A 16 -7.70 7.33 0.66
N LYS A 17 -7.87 8.62 0.94
N LYS A 17 -7.86 8.62 0.97
CA LYS A 17 -6.88 9.60 0.50
CA LYS A 17 -6.92 9.64 0.56
C LYS A 17 -5.85 9.92 1.58
C LYS A 17 -5.80 9.77 1.61
N GLY A 18 -4.64 10.21 1.14
CA GLY A 18 -3.56 10.58 2.03
C GLY A 18 -2.71 11.67 1.40
N SER A 19 -1.67 12.09 2.10
CA SER A 19 -0.77 13.07 1.56
C SER A 19 0.65 12.76 2.00
N LEU A 20 1.59 13.24 1.19
CA LEU A 20 3.03 13.11 1.45
C LEU A 20 3.61 14.51 1.27
N ILE A 21 3.39 15.36 2.26
N ILE A 21 3.32 15.38 2.24
CA ILE A 21 3.78 16.76 2.19
CA ILE A 21 3.74 16.78 2.24
C ILE A 21 4.95 17.01 3.12
C ILE A 21 4.98 16.97 3.11
N GLY A 22 5.97 17.69 2.60
CA GLY A 22 7.14 18.04 3.40
C GLY A 22 7.88 16.81 3.88
N GLY A 23 8.18 16.78 5.17
CA GLY A 23 8.89 15.69 5.79
C GLY A 23 8.09 14.41 5.97
N ASP A 24 6.79 14.44 5.64
CA ASP A 24 5.97 13.22 5.69
C ASP A 24 6.20 12.46 4.39
N HIS A 25 7.15 11.53 4.43
CA HIS A 25 7.55 10.81 3.21
C HIS A 25 6.98 9.40 3.09
N THR A 26 6.42 8.85 4.16
CA THR A 26 5.91 7.47 4.17
C THR A 26 4.64 7.37 4.96
N ASP A 27 3.64 6.70 4.38
CA ASP A 27 2.43 6.25 5.07
C ASP A 27 2.42 4.72 5.06
N VAL A 28 1.99 4.13 6.16
CA VAL A 28 1.91 2.67 6.28
C VAL A 28 0.46 2.26 6.54
N TYR A 29 0.06 1.21 5.84
CA TYR A 29 -1.26 0.62 6.01
C TYR A 29 -1.08 -0.87 6.30
N THR A 30 -2.02 -1.46 7.02
N THR A 30 -2.01 -1.45 7.04
CA THR A 30 -1.99 -2.89 7.24
CA THR A 30 -2.00 -2.89 7.27
C THR A 30 -3.37 -3.49 7.01
C THR A 30 -3.38 -3.47 6.96
N PHE A 31 -3.40 -4.69 6.45
CA PHE A 31 -4.65 -5.42 6.20
C PHE A 31 -4.38 -6.90 6.30
N ASN A 32 -5.46 -7.66 6.41
N ASN A 32 -5.45 -7.67 6.44
CA ASN A 32 -5.40 -9.10 6.50
CA ASN A 32 -5.38 -9.14 6.56
C ASN A 32 -6.09 -9.69 5.27
C ASN A 32 -6.17 -9.81 5.45
N VAL A 33 -5.56 -10.83 4.83
CA VAL A 33 -6.18 -11.61 3.77
C VAL A 33 -6.57 -12.96 4.38
N ALA A 34 -7.85 -13.30 4.36
CA ALA A 34 -8.31 -14.54 5.00
C ALA A 34 -8.04 -15.79 4.19
N SER A 35 -8.21 -15.70 2.88
N SER A 35 -8.21 -15.69 2.87
CA SER A 35 -7.98 -16.84 1.98
CA SER A 35 -8.01 -16.81 1.96
C SER A 35 -7.40 -16.31 0.69
C SER A 35 -7.31 -16.26 0.74
N ALA A 36 -6.57 -17.12 0.05
CA ALA A 36 -5.85 -16.69 -1.15
C ALA A 36 -6.80 -16.11 -2.18
N LYS A 37 -6.41 -14.97 -2.70
N LYS A 37 -6.49 -14.91 -2.70
CA LYS A 37 -7.17 -14.39 -3.74
CA LYS A 37 -7.38 -14.24 -3.70
C LYS A 37 -6.29 -13.36 -4.39
C LYS A 37 -6.72 -13.12 -4.51
N ASN A 38 -6.64 -13.01 -5.64
N ASN A 38 -7.32 -12.77 -5.66
CA ASN A 38 -6.04 -11.85 -6.26
CA ASN A 38 -6.77 -11.76 -6.52
C ASN A 38 -6.64 -10.62 -5.65
C ASN A 38 -7.07 -10.37 -5.95
N ILE A 39 -5.80 -9.62 -5.48
N ILE A 39 -6.01 -9.67 -5.52
CA ILE A 39 -6.29 -8.33 -5.07
CA ILE A 39 -6.07 -8.31 -4.93
C ILE A 39 -5.70 -7.32 -6.05
C ILE A 39 -5.51 -7.25 -5.87
N ASP A 40 -6.21 -6.12 -5.96
CA ASP A 40 -5.83 -5.00 -6.77
C ASP A 40 -5.46 -3.85 -5.84
N ILE A 41 -4.21 -3.37 -5.93
CA ILE A 41 -3.76 -2.22 -5.16
C ILE A 41 -3.43 -1.11 -6.15
N SER A 42 -4.08 0.04 -6.00
CA SER A 42 -3.90 1.14 -6.91
C SER A 42 -3.78 2.44 -6.12
N VAL A 43 -2.73 3.21 -6.42
CA VAL A 43 -2.54 4.53 -5.84
C VAL A 43 -2.56 5.55 -6.97
N LEU A 44 -3.43 6.55 -6.83
CA LEU A 44 -3.50 7.65 -7.78
C LEU A 44 -2.59 8.76 -7.27
N ASN A 45 -1.56 9.05 -8.07
CA ASN A 45 -0.52 10.04 -7.76
C ASN A 45 -1.02 11.37 -8.29
N GLU A 46 -1.80 12.08 -7.48
CA GLU A 46 -2.57 13.21 -7.96
C GLU A 46 -1.74 14.37 -8.47
N TYR A 47 -0.58 14.61 -7.87
CA TYR A 47 0.30 15.72 -8.29
C TYR A 47 1.52 15.25 -9.07
N GLY A 48 1.59 13.96 -9.41
CA GLY A 48 2.65 13.48 -10.28
C GLY A 48 4.03 13.60 -9.67
N ILE A 49 4.14 13.37 -8.36
CA ILE A 49 5.43 13.44 -7.68
C ILE A 49 6.16 12.11 -7.81
N GLY A 50 7.40 12.07 -7.32
CA GLY A 50 8.18 10.83 -7.32
C GLY A 50 7.77 9.98 -6.15
N MSE A 51 6.76 9.13 -6.34
CA MSE A 51 6.23 8.27 -5.28
C MSE A 51 5.92 6.89 -5.83
O MSE A 51 5.78 6.69 -7.06
CB MSE A 51 5.02 8.91 -4.59
CG MSE A 51 3.83 8.99 -5.56
SE MSE A 51 2.18 9.59 -4.63
CE MSE A 51 2.02 8.03 -3.46
N THR A 52 5.80 5.93 -4.93
CA THR A 52 5.49 4.57 -5.29
C THR A 52 4.93 3.85 -4.07
N TRP A 53 4.72 2.54 -4.19
CA TRP A 53 4.37 1.74 -3.03
C TRP A 53 5.01 0.37 -3.14
N VAL A 54 5.24 -0.25 -1.98
CA VAL A 54 5.71 -1.63 -1.88
C VAL A 54 4.89 -2.33 -0.80
N LEU A 55 4.75 -3.64 -0.94
CA LEU A 55 3.95 -4.47 -0.05
C LEU A 55 4.75 -5.63 0.48
N HIS A 56 4.66 -5.88 1.80
CA HIS A 56 5.26 -7.06 2.41
C HIS A 56 4.21 -7.88 3.13
N HIS A 57 4.25 -9.19 2.91
CA HIS A 57 3.57 -10.12 3.82
C HIS A 57 4.38 -10.14 5.12
N GLU A 58 3.67 -10.23 6.26
N GLU A 58 3.73 -10.33 6.27
CA GLU A 58 4.27 -10.23 7.61
CA GLU A 58 4.49 -10.31 7.51
C GLU A 58 5.51 -11.10 7.75
C GLU A 58 5.53 -11.45 7.62
N SER A 59 5.45 -12.22 7.07
N SER A 59 5.41 -12.52 6.83
CA SER A 59 6.48 -13.27 7.18
CA SER A 59 6.41 -13.56 6.88
C SER A 59 7.73 -13.03 6.35
C SER A 59 7.72 -13.14 6.22
N ASP A 60 7.73 -12.03 5.48
CA ASP A 60 8.91 -11.68 4.72
C ASP A 60 8.98 -10.18 4.52
N MSE A 61 9.68 -9.54 5.46
N MSE A 61 9.79 -9.54 5.36
CA MSE A 61 9.85 -8.09 5.50
CA MSE A 61 9.98 -8.10 5.28
C MSE A 61 10.98 -7.57 4.62
C MSE A 61 11.19 -7.77 4.42
O MSE A 61 11.30 -6.38 4.65
O MSE A 61 11.57 -6.61 4.33
CB MSE A 61 10.08 -7.66 6.96
CB MSE A 61 10.02 -7.50 6.70
CG MSE A 61 8.88 -7.97 7.84
CG MSE A 61 8.91 -8.04 7.62
SE MSE A 61 7.25 -7.07 7.21
SE MSE A 61 7.08 -7.37 7.26
CE MSE A 61 7.87 -5.21 7.20
CE MSE A 61 7.30 -5.57 8.06
N GLN A 62 11.56 -8.47 3.79
N GLN A 62 11.78 -8.76 3.72
CA GLN A 62 12.64 -8.15 2.82
CA GLN A 62 12.92 -8.48 2.85
C GLN A 62 12.18 -8.29 1.37
C GLN A 62 12.47 -8.47 1.38
N ASN A 63 11.69 -9.46 1.01
CA ASN A 63 11.19 -9.63 -0.35
C ASN A 63 9.80 -9.05 -0.46
N TYR A 64 9.54 -8.35 -1.56
CA TYR A 64 8.23 -7.76 -1.73
C TYR A 64 7.22 -8.80 -2.14
N ALA A 65 6.06 -8.76 -1.52
CA ALA A 65 4.93 -9.55 -1.99
C ALA A 65 4.39 -8.98 -3.31
N ALA A 66 4.46 -7.66 -3.45
CA ALA A 66 4.07 -6.96 -4.66
C ALA A 66 4.66 -5.56 -4.59
N TYR A 67 4.68 -4.86 -5.71
CA TYR A 67 5.09 -3.46 -5.73
C TYR A 67 4.33 -2.74 -6.81
N GLY A 68 4.20 -1.43 -6.65
CA GLY A 68 3.49 -0.65 -7.63
C GLY A 68 4.28 -0.37 -8.88
N GLN A 69 3.60 -0.38 -10.02
N GLN A 69 3.58 -0.42 -10.02
CA GLN A 69 4.21 0.03 -11.27
CA GLN A 69 4.12 -0.03 -11.32
C GLN A 69 3.42 1.20 -11.80
C GLN A 69 3.39 1.21 -11.78
N ALA A 70 4.13 2.28 -12.11
CA ALA A 70 3.52 3.50 -12.59
C ALA A 70 3.05 3.34 -14.03
N ASN A 71 1.81 3.75 -14.26
CA ASN A 71 1.15 3.79 -15.56
C ASN A 71 0.46 5.15 -15.58
N GLY A 72 1.19 6.16 -16.05
CA GLY A 72 0.74 7.54 -15.86
C GLY A 72 0.60 7.84 -14.37
N ASN A 73 -0.55 8.39 -13.96
CA ASN A 73 -0.84 8.70 -12.55
C ASN A 73 -1.27 7.50 -11.73
N HIS A 74 -1.48 6.35 -12.35
CA HIS A 74 -1.90 5.14 -11.65
C HIS A 74 -0.69 4.30 -11.28
N ILE A 75 -0.51 4.00 -10.00
CA ILE A 75 0.61 3.18 -9.53
C ILE A 75 -0.05 1.89 -9.00
N GLU A 76 0.02 0.80 -9.78
N GLU A 76 0.12 0.78 -9.74
CA GLU A 76 -0.85 -0.36 -9.52
CA GLU A 76 -0.81 -0.33 -9.62
C GLU A 76 -0.13 -1.69 -9.56
C GLU A 76 -0.17 -1.71 -9.66
N ALA A 77 -0.88 -2.68 -9.08
CA ALA A 77 -0.55 -4.10 -9.19
C ALA A 77 -1.82 -4.91 -8.98
N ASN A 78 -1.83 -6.14 -9.49
N ASN A 78 -1.89 -6.02 -9.73
CA ASN A 78 -2.93 -7.08 -9.25
CA ASN A 78 -2.92 -7.03 -9.60
C ASN A 78 -2.29 -8.46 -9.20
C ASN A 78 -2.14 -8.30 -9.36
N PHE A 79 -2.42 -9.15 -8.07
N PHE A 79 -2.40 -9.02 -8.27
CA PHE A 79 -1.61 -10.32 -7.83
CA PHE A 79 -1.69 -10.29 -7.98
C PHE A 79 -2.33 -11.18 -6.83
C PHE A 79 -2.46 -11.19 -6.99
N ASN A 80 -2.01 -12.45 -6.84
CA ASN A 80 -2.61 -13.40 -5.91
C ASN A 80 -1.91 -13.28 -4.57
N ALA A 81 -2.68 -12.90 -3.56
CA ALA A 81 -2.19 -12.71 -2.19
C ALA A 81 -2.52 -13.91 -1.33
N LYS A 82 -1.49 -14.52 -0.77
CA LYS A 82 -1.68 -15.62 0.16
C LYS A 82 -2.23 -15.08 1.49
N PRO A 83 -2.84 -15.97 2.30
N PRO A 83 -2.81 -15.96 2.32
CA PRO A 83 -3.39 -15.52 3.57
CA PRO A 83 -3.41 -15.47 3.54
C PRO A 83 -2.37 -14.88 4.52
C PRO A 83 -2.41 -14.93 4.56
N GLY A 84 -2.86 -13.97 5.36
CA GLY A 84 -2.09 -13.41 6.44
C GLY A 84 -2.12 -11.90 6.48
N LYS A 85 -1.25 -11.35 7.32
N LYS A 85 -1.30 -11.34 7.37
CA LYS A 85 -1.15 -9.91 7.55
CA LYS A 85 -1.20 -9.89 7.53
C LYS A 85 -0.12 -9.27 6.63
C LYS A 85 -0.20 -9.33 6.54
N TYR A 86 -0.51 -8.13 6.05
CA TYR A 86 0.32 -7.38 5.12
C TYR A 86 0.60 -5.97 5.62
N TYR A 87 1.76 -5.46 5.23
N TYR A 87 1.75 -5.46 5.20
CA TYR A 87 2.15 -4.07 5.47
CA TYR A 87 2.21 -4.09 5.47
C TYR A 87 2.38 -3.44 4.10
C TYR A 87 2.45 -3.40 4.11
N LEU A 88 1.68 -2.34 3.86
CA LEU A 88 1.74 -1.57 2.62
C LEU A 88 2.38 -0.22 2.91
N TYR A 89 3.46 0.09 2.19
CA TYR A 89 4.20 1.34 2.37
C TYR A 89 3.99 2.20 1.14
N VAL A 90 3.35 3.37 1.32
CA VAL A 90 3.14 4.35 0.25
C VAL A 90 4.11 5.48 0.55
N TYR A 91 5.04 5.76 -0.36
CA TYR A 91 6.12 6.67 0.00
C TYR A 91 6.64 7.46 -1.19
N LYS A 92 7.29 8.56 -0.88
CA LYS A 92 7.93 9.39 -1.89
C LYS A 92 9.45 9.29 -1.79
N TYR A 93 10.09 9.41 -2.95
CA TYR A 93 11.54 9.33 -3.09
C TYR A 93 12.16 10.59 -3.70
N ASP A 94 11.36 11.60 -3.99
CA ASP A 94 11.89 12.90 -4.46
C ASP A 94 11.36 14.01 -3.57
N ASN A 95 11.67 15.26 -3.91
CA ASN A 95 11.29 16.40 -3.08
C ASN A 95 9.89 17.01 -3.35
N GLY A 96 9.05 16.32 -4.10
CA GLY A 96 7.71 16.84 -4.35
C GLY A 96 6.74 16.72 -3.18
N ASP A 97 5.74 17.57 -3.17
CA ASP A 97 4.61 17.51 -2.24
C ASP A 97 3.38 17.06 -3.03
N GLY A 98 2.68 16.07 -2.53
CA GLY A 98 1.51 15.61 -3.25
C GLY A 98 0.54 14.87 -2.37
N THR A 99 -0.66 14.72 -2.91
CA THR A 99 -1.73 13.94 -2.34
C THR A 99 -1.92 12.67 -3.17
N TYR A 100 -2.60 11.69 -2.59
CA TYR A 100 -2.85 10.45 -3.31
C TYR A 100 -4.16 9.84 -2.86
N GLU A 101 -4.67 8.92 -3.68
N GLU A 101 -4.67 8.90 -3.67
CA GLU A 101 -5.83 8.11 -3.31
CA GLU A 101 -5.83 8.11 -3.31
C GLU A 101 -5.48 6.63 -3.46
C GLU A 101 -5.48 6.64 -3.46
N LEU A 102 -5.58 5.90 -2.36
CA LEU A 102 -5.30 4.47 -2.32
C LEU A 102 -6.57 3.66 -2.39
N SER A 103 -6.58 2.66 -3.27
N SER A 103 -6.59 2.61 -3.22
N SER A 103 -6.56 2.65 -3.26
CA SER A 103 -7.65 1.69 -3.33
CA SER A 103 -7.67 1.64 -3.20
CA SER A 103 -7.62 1.67 -3.39
C SER A 103 -7.08 0.28 -3.18
C SER A 103 -7.10 0.22 -3.18
C SER A 103 -6.96 0.31 -3.18
N VAL A 104 -7.80 -0.53 -2.42
N VAL A 104 -7.53 -0.52 -2.17
CA VAL A 104 -7.52 -1.94 -2.29
CA VAL A 104 -7.13 -1.92 -1.98
C VAL A 104 -8.83 -2.65 -2.56
C VAL A 104 -8.37 -2.81 -1.98
N LYS A 105 -8.87 -3.47 -3.60
N LYS A 105 -8.45 -3.78 -2.86
CA LYS A 105 -10.05 -4.26 -3.91
CA LYS A 105 -9.66 -4.63 -2.93
C LYS A 105 -9.66 -5.73 -4.03
C LYS A 105 -9.38 -6.02 -3.50
NA NA B . 0.67 11.11 5.08
NA NA C . -4.08 8.52 -16.11
NA NA D . 3.06 9.40 7.08
#